data_2E0K
#
_entry.id   2E0K
#
_cell.length_a   88.214
_cell.length_b   88.214
_cell.length_c   123.697
_cell.angle_alpha   90.00
_cell.angle_beta   90.00
_cell.angle_gamma   90.00
#
_symmetry.space_group_name_H-M   'P 43 21 2'
#
loop_
_entity.id
_entity.type
_entity.pdbx_description
1 polymer 'Precorrin-2 C20-methyltransferase'
2 water water
#
_entity_poly.entity_id   1
_entity_poly.type   'polypeptide(L)'
_entity_poly.pdbx_seq_one_letter_code
;MNNQGSIISVSLGPGDPGLITVKALSQLREADVIYYPGTVSASGAVTSVALDILKEFDLDPSKLRGMLVPMSRSRGAAEA
SYAANYASMAEEVQAGRRVAVVSVGDGGFYSTASAIIERARRDGLDCSMTPGIPAFIAAGSAAGMPLALQSDSVLVLAQI
DEIGELERALVTHSTVVVMKLSTVRDELVSFLERYAKPFLYAEKVGMAGEFITMEVDALRSRAIPYFSLLVCSPHCRQST
LSPFASKLAAALEHHHHHH
;
_entity_poly.pdbx_strand_id   A,B
#
# COMPACT_ATOMS: atom_id res chain seq x y z
N MET A 1 -21.45 17.74 28.30
CA MET A 1 -20.87 17.88 26.93
C MET A 1 -21.11 16.64 26.05
N ASN A 2 -21.46 16.87 24.77
CA ASN A 2 -21.43 15.84 23.71
C ASN A 2 -20.97 16.37 22.33
N ASN A 3 -20.81 17.69 22.20
CA ASN A 3 -20.56 18.37 20.91
C ASN A 3 -19.41 17.85 20.01
N GLN A 4 -18.68 16.84 20.46
CA GLN A 4 -17.73 16.16 19.57
C GLN A 4 -18.44 15.01 18.83
N GLY A 5 -17.94 13.79 18.98
CA GLY A 5 -18.59 12.65 18.36
C GLY A 5 -18.20 12.44 16.92
N SER A 6 -17.12 11.70 16.70
CA SER A 6 -16.56 11.60 15.36
C SER A 6 -16.50 10.17 14.88
N ILE A 7 -16.23 10.01 13.61
CA ILE A 7 -16.03 8.69 13.01
C ILE A 7 -14.74 8.68 12.13
N ILE A 8 -13.95 7.60 12.25
CA ILE A 8 -12.69 7.47 11.52
C ILE A 8 -12.70 6.14 10.84
N SER A 9 -12.29 6.11 9.58
CA SER A 9 -12.07 4.83 8.93
C SER A 9 -10.58 4.46 9.20
N VAL A 10 -10.35 3.40 9.98
CA VAL A 10 -8.99 3.04 10.42
C VAL A 10 -8.59 1.78 9.68
N SER A 11 -7.60 1.88 8.78
CA SER A 11 -7.04 0.65 8.16
C SER A 11 -6.18 -0.13 9.19
N LEU A 12 -6.34 -1.44 9.21
CA LEU A 12 -5.57 -2.30 10.10
C LEU A 12 -4.23 -2.79 9.54
N GLY A 13 -4.01 -2.56 8.24
CA GLY A 13 -3.06 -3.32 7.49
C GLY A 13 -3.40 -4.79 7.21
N PRO A 14 -2.45 -5.48 6.58
CA PRO A 14 -2.73 -6.75 5.96
C PRO A 14 -2.85 -7.99 6.87
N GLY A 15 -2.48 -7.93 8.17
CA GLY A 15 -2.63 -9.18 8.96
C GLY A 15 -1.68 -9.22 10.11
N ASP A 16 -0.41 -8.94 9.85
CA ASP A 16 0.60 -8.91 10.93
C ASP A 16 0.26 -7.66 11.78
N PRO A 17 0.02 -7.84 13.11
CA PRO A 17 -0.33 -6.63 13.87
C PRO A 17 0.83 -5.63 13.92
N GLY A 18 2.07 -6.08 13.65
CA GLY A 18 3.18 -5.20 13.56
C GLY A 18 3.12 -4.30 12.34
N LEU A 19 2.24 -4.62 11.36
CA LEU A 19 2.05 -3.83 10.09
C LEU A 19 0.87 -2.83 10.10
N ILE A 20 0.36 -2.58 11.29
CA ILE A 20 -0.53 -1.44 11.58
C ILE A 20 0.35 -0.23 11.65
N THR A 21 -0.15 0.94 11.23
CA THR A 21 0.63 2.13 11.36
C THR A 21 0.52 2.60 12.79
N VAL A 22 1.54 3.33 13.21
CA VAL A 22 1.58 3.90 14.54
C VAL A 22 0.33 4.72 14.73
N LYS A 23 -0.04 5.50 13.73
CA LYS A 23 -1.19 6.39 13.85
C LYS A 23 -2.50 5.61 13.95
N ALA A 24 -2.68 4.55 13.14
CA ALA A 24 -3.98 3.86 13.17
C ALA A 24 -4.12 3.17 14.57
N LEU A 25 -3.04 2.59 15.03
CA LEU A 25 -3.12 1.93 16.35
C LEU A 25 -3.52 2.92 17.49
N SER A 26 -2.86 4.08 17.52
CA SER A 26 -3.26 5.18 18.46
C SER A 26 -4.75 5.54 18.37
N GLN A 27 -5.28 5.62 17.14
CA GLN A 27 -6.69 5.89 16.89
C GLN A 27 -7.58 4.77 17.40
N LEU A 28 -7.19 3.52 17.23
CA LEU A 28 -7.98 2.47 17.83
C LEU A 28 -8.01 2.51 19.38
N ARG A 29 -6.88 2.85 20.00
CA ARG A 29 -6.81 2.90 21.45
C ARG A 29 -7.61 4.04 22.01
N GLU A 30 -7.70 5.14 21.25
CA GLU A 30 -8.48 6.31 21.65
C GLU A 30 -9.96 6.19 21.40
N ALA A 31 -10.38 5.30 20.49
CA ALA A 31 -11.75 5.20 20.04
C ALA A 31 -12.64 4.70 21.18
N ASP A 32 -13.87 5.21 21.25
CA ASP A 32 -14.84 4.81 22.26
C ASP A 32 -15.47 3.51 21.84
N VAL A 33 -15.54 3.32 20.53
CA VAL A 33 -16.22 2.17 19.94
C VAL A 33 -15.54 1.79 18.61
N ILE A 34 -15.43 0.50 18.32
CA ILE A 34 -14.70 0.01 17.16
C ILE A 34 -15.56 -1.03 16.40
N TYR A 35 -16.04 -0.66 15.21
CA TYR A 35 -16.85 -1.56 14.37
C TYR A 35 -15.98 -2.32 13.39
N TYR A 36 -16.14 -3.63 13.30
CA TYR A 36 -15.32 -4.42 12.44
C TYR A 36 -16.18 -5.28 11.57
N PRO A 37 -15.70 -5.58 10.34
CA PRO A 37 -16.48 -6.40 9.45
C PRO A 37 -16.24 -7.89 9.59
N GLY A 38 -17.21 -8.68 9.13
CA GLY A 38 -17.15 -10.10 9.31
C GLY A 38 -18.24 -10.81 8.54
N THR A 39 -18.06 -12.10 8.34
CA THR A 39 -19.14 -12.78 7.62
C THR A 39 -19.61 -13.99 8.35
N VAL A 40 -20.83 -14.39 8.03
CA VAL A 40 -21.46 -15.47 8.73
C VAL A 40 -22.15 -16.38 7.73
N SER A 41 -21.75 -17.65 7.80
CA SER A 41 -22.30 -18.77 7.03
C SER A 41 -23.69 -19.15 7.58
N ALA A 42 -24.38 -20.11 6.96
CA ALA A 42 -25.74 -20.49 7.38
C ALA A 42 -25.81 -21.23 8.72
N SER A 43 -24.76 -21.98 9.03
CA SER A 43 -24.64 -22.67 10.32
C SER A 43 -24.10 -21.71 11.37
N GLY A 44 -24.12 -20.42 11.06
CA GLY A 44 -23.77 -19.37 12.01
C GLY A 44 -22.32 -19.29 12.44
N ALA A 45 -21.42 -19.84 11.62
CA ALA A 45 -19.98 -19.71 11.89
C ALA A 45 -19.50 -18.35 11.40
N VAL A 46 -18.80 -17.61 12.27
CA VAL A 46 -18.32 -16.24 11.96
C VAL A 46 -16.90 -16.30 11.42
N THR A 47 -16.69 -15.65 10.29
CA THR A 47 -15.33 -15.46 9.80
C THR A 47 -15.06 -13.98 9.74
N SER A 48 -13.97 -13.56 10.37
CA SER A 48 -13.55 -12.12 10.41
C SER A 48 -12.01 -11.97 10.56
N VAL A 49 -11.31 -11.81 9.45
CA VAL A 49 -9.88 -11.43 9.53
C VAL A 49 -9.73 -10.14 10.35
N ALA A 50 -10.64 -9.18 10.18
CA ALA A 50 -10.52 -7.90 10.93
C ALA A 50 -10.49 -8.14 12.43
N LEU A 51 -11.44 -8.96 12.94
CA LEU A 51 -11.44 -9.25 14.42
C LEU A 51 -10.22 -10.02 14.88
N ASP A 52 -9.81 -10.99 14.08
CA ASP A 52 -8.52 -11.67 14.30
C ASP A 52 -7.33 -10.70 14.39
N ILE A 53 -7.30 -9.67 13.56
CA ILE A 53 -6.21 -8.66 13.76
C ILE A 53 -6.41 -7.85 15.05
N LEU A 54 -7.64 -7.37 15.30
CA LEU A 54 -7.94 -6.53 16.51
C LEU A 54 -7.55 -7.28 17.80
N LYS A 55 -7.83 -8.57 17.83
CA LYS A 55 -7.51 -9.48 18.92
C LYS A 55 -5.99 -9.54 19.26
N GLU A 56 -5.16 -8.87 18.44
CA GLU A 56 -3.73 -8.86 18.64
C GLU A 56 -3.21 -7.61 19.33
N PHE A 57 -4.06 -6.61 19.60
CA PHE A 57 -3.68 -5.27 20.15
C PHE A 57 -4.00 -4.85 21.62
N ASP A 58 -4.47 -5.78 22.40
CA ASP A 58 -4.86 -5.48 23.79
C ASP A 58 -5.93 -4.35 23.94
N LEU A 59 -6.89 -4.30 23.00
CA LEU A 59 -8.04 -3.40 23.11
C LEU A 59 -9.05 -3.92 24.13
N ASP A 60 -9.78 -3.01 24.78
CA ASP A 60 -10.95 -3.41 25.56
C ASP A 60 -12.04 -4.14 24.69
N PRO A 61 -12.22 -5.45 24.91
CA PRO A 61 -13.15 -6.25 24.10
C PRO A 61 -14.60 -5.74 24.07
N SER A 62 -15.01 -4.95 25.08
CA SER A 62 -16.36 -4.36 25.20
C SER A 62 -16.52 -3.17 24.29
N LYS A 63 -15.41 -2.75 23.70
CA LYS A 63 -15.37 -1.64 22.76
C LYS A 63 -15.67 -2.12 21.36
N LEU A 64 -15.60 -3.43 21.13
CA LEU A 64 -15.68 -3.98 19.76
C LEU A 64 -17.12 -4.31 19.34
N ARG A 65 -17.51 -3.99 18.12
CA ARG A 65 -18.89 -4.18 17.67
C ARG A 65 -18.81 -4.81 16.30
N GLY A 66 -19.28 -6.03 16.15
CA GLY A 66 -19.22 -6.74 14.88
C GLY A 66 -20.27 -6.29 13.88
N MET A 67 -19.87 -6.13 12.63
CA MET A 67 -20.81 -5.78 11.57
C MET A 67 -20.83 -6.96 10.69
N LEU A 68 -21.64 -7.93 11.09
CA LEU A 68 -21.64 -9.21 10.47
C LEU A 68 -22.72 -9.29 9.39
N VAL A 69 -22.34 -9.92 8.30
CA VAL A 69 -23.11 -9.88 7.09
C VAL A 69 -23.23 -11.33 6.62
N PRO A 70 -24.49 -11.81 6.46
CA PRO A 70 -24.64 -13.18 5.98
C PRO A 70 -23.93 -13.29 4.65
N MET A 71 -23.28 -14.42 4.40
CA MET A 71 -22.85 -14.71 3.03
C MET A 71 -24.17 -15.08 2.30
N SER A 72 -24.95 -14.00 1.99
CA SER A 72 -26.14 -14.18 1.15
C SER A 72 -26.58 -12.91 0.39
N ARG A 73 -27.61 -12.13 1.09
CA ARG A 73 -28.39 -11.08 0.41
C ARG A 73 -27.60 -9.83 0.00
N SER A 74 -26.86 -9.95 -1.11
CA SER A 74 -25.88 -8.98 -1.58
C SER A 74 -26.39 -7.55 -1.82
N ARG A 75 -25.69 -6.56 -1.24
CA ARG A 75 -25.88 -5.17 -1.59
C ARG A 75 -24.67 -4.70 -2.42
N ALA A 80 -25.75 -9.88 3.18
CA ALA A 80 -25.41 -8.45 3.11
C ALA A 80 -26.64 -7.55 3.31
N SER A 81 -26.72 -6.47 2.54
CA SER A 81 -27.80 -5.47 2.61
C SER A 81 -27.92 -4.82 4.01
N TYR A 82 -26.78 -4.69 4.70
CA TYR A 82 -26.75 -4.31 6.11
C TYR A 82 -26.02 -3.00 6.46
N ALA A 83 -25.94 -2.08 5.49
CA ALA A 83 -25.49 -0.71 5.75
C ALA A 83 -26.09 -0.10 7.02
N ALA A 84 -27.20 -0.71 7.49
CA ALA A 84 -27.87 -0.43 8.78
C ALA A 84 -26.98 -0.58 10.04
N ASN A 85 -25.66 -0.69 9.86
CA ASN A 85 -24.74 -0.60 10.99
C ASN A 85 -24.44 0.86 11.29
N TYR A 86 -24.65 1.73 10.28
CA TYR A 86 -24.35 3.16 10.35
C TYR A 86 -25.22 3.95 11.35
N ALA A 87 -26.53 3.74 11.28
CA ALA A 87 -27.47 4.34 12.26
C ALA A 87 -26.95 4.09 13.67
N SER A 88 -26.58 2.85 13.97
CA SER A 88 -25.81 2.59 15.20
C SER A 88 -24.64 3.57 15.40
N MET A 89 -23.73 3.66 14.41
CA MET A 89 -22.56 4.57 14.51
C MET A 89 -22.97 6.00 14.80
N ALA A 90 -23.86 6.53 13.96
CA ALA A 90 -24.44 7.87 14.12
C ALA A 90 -24.93 8.14 15.53
N GLU A 91 -25.68 7.19 16.08
CA GLU A 91 -26.12 7.27 17.45
C GLU A 91 -24.94 7.46 18.38
N GLU A 92 -23.89 6.65 18.20
CA GLU A 92 -22.73 6.74 19.12
C GLU A 92 -22.15 8.14 18.94
N VAL A 93 -22.05 8.56 17.68
CA VAL A 93 -21.52 9.88 17.27
C VAL A 93 -22.42 11.00 17.83
N GLN A 94 -23.74 10.76 17.77
CA GLN A 94 -24.76 11.67 18.31
C GLN A 94 -24.59 11.80 19.80
N ALA A 95 -24.07 10.74 20.41
CA ALA A 95 -23.88 10.66 21.85
C ALA A 95 -22.53 11.18 22.33
N GLY A 96 -21.81 11.88 21.44
CA GLY A 96 -20.47 12.42 21.75
C GLY A 96 -19.27 11.46 21.64
N ARG A 97 -19.49 10.28 21.06
CA ARG A 97 -18.47 9.21 21.07
C ARG A 97 -17.57 9.10 19.82
N ARG A 98 -16.30 8.70 20.04
CA ARG A 98 -15.31 8.47 18.96
C ARG A 98 -15.47 7.07 18.39
N VAL A 99 -15.98 6.98 17.17
CA VAL A 99 -16.22 5.70 16.50
C VAL A 99 -15.10 5.45 15.49
N ALA A 100 -14.50 4.25 15.53
CA ALA A 100 -13.60 3.81 14.48
C ALA A 100 -14.28 2.71 13.73
N VAL A 101 -14.19 2.75 12.41
CA VAL A 101 -14.62 1.63 11.57
C VAL A 101 -13.42 1.05 10.90
N VAL A 102 -13.23 -0.27 11.03
CA VAL A 102 -11.91 -0.77 10.61
C VAL A 102 -12.01 -1.62 9.34
N SER A 103 -10.85 -1.77 8.69
CA SER A 103 -10.74 -2.44 7.38
C SER A 103 -9.52 -3.24 7.44
N VAL A 104 -9.58 -4.43 6.92
CA VAL A 104 -8.37 -5.15 6.59
C VAL A 104 -7.59 -4.51 5.40
N GLY A 105 -6.27 -4.47 5.49
CA GLY A 105 -5.52 -3.90 4.32
C GLY A 105 -5.59 -2.39 4.42
N ASP A 106 -5.99 -1.74 3.33
CA ASP A 106 -6.33 -0.31 3.31
C ASP A 106 -7.86 -0.05 3.13
N GLY A 107 -8.40 0.93 3.84
CA GLY A 107 -9.84 1.18 3.85
C GLY A 107 -10.32 1.84 2.57
N GLY A 108 -9.39 2.19 1.67
CA GLY A 108 -9.78 2.77 0.38
C GLY A 108 -9.57 1.87 -0.84
N PHE A 109 -9.12 0.66 -0.55
CA PHE A 109 -8.61 -0.24 -1.60
C PHE A 109 -9.33 -1.56 -1.53
N TYR A 110 -10.45 -1.62 -2.26
CA TYR A 110 -11.37 -2.77 -2.32
C TYR A 110 -11.86 -3.07 -0.95
N SER A 111 -12.31 -2.04 -0.27
CA SER A 111 -12.65 -2.21 1.11
C SER A 111 -14.12 -2.26 1.46
N THR A 112 -14.42 -3.03 2.50
CA THR A 112 -15.69 -3.00 3.21
C THR A 112 -16.20 -1.63 3.72
N ALA A 113 -15.30 -0.62 3.81
CA ALA A 113 -15.53 0.63 4.59
C ALA A 113 -16.05 1.75 3.74
N SER A 114 -15.87 1.63 2.45
CA SER A 114 -16.16 2.75 1.58
C SER A 114 -17.66 3.13 1.64
N ALA A 115 -18.48 2.11 1.58
CA ALA A 115 -19.95 2.26 1.70
C ALA A 115 -20.43 2.87 3.03
N ILE A 116 -19.76 2.55 4.15
CA ILE A 116 -19.96 3.28 5.42
C ILE A 116 -19.47 4.73 5.38
N ILE A 117 -18.26 4.95 4.91
CA ILE A 117 -17.75 6.31 4.78
C ILE A 117 -18.67 7.15 3.92
N GLU A 118 -19.09 6.63 2.76
CA GLU A 118 -20.04 7.43 1.98
C GLU A 118 -21.34 7.79 2.70
N ARG A 119 -21.92 6.84 3.46
CA ARG A 119 -23.13 7.14 4.32
C ARG A 119 -22.89 8.21 5.37
N ALA A 120 -21.79 8.12 6.11
CA ALA A 120 -21.39 9.18 7.03
C ALA A 120 -21.31 10.52 6.32
N ARG A 121 -20.63 10.39 5.11
CA ARG A 121 -20.39 11.63 4.46
C ARG A 121 -21.70 12.22 3.87
N ARG A 122 -22.68 11.49 3.24
CA ARG A 122 -24.06 11.94 2.84
C ARG A 122 -24.72 12.62 4.01
N ASP A 123 -24.45 12.18 5.22
CA ASP A 123 -24.89 12.79 6.45
C ASP A 123 -23.87 13.90 6.77
N GLY A 124 -23.96 14.59 7.82
CA GLY A 124 -23.07 15.74 8.01
C GLY A 124 -21.66 15.42 8.50
N LEU A 125 -21.34 14.12 8.62
CA LEU A 125 -20.14 13.70 9.38
C LEU A 125 -18.81 13.76 8.66
N ASP A 126 -17.83 14.26 9.40
CA ASP A 126 -16.42 14.09 9.01
C ASP A 126 -16.01 12.64 9.28
N CYS A 127 -15.47 11.99 8.26
CA CYS A 127 -14.99 10.64 8.37
C CYS A 127 -13.66 10.50 7.70
N SER A 128 -12.62 10.96 8.38
CA SER A 128 -11.32 10.83 7.84
C SER A 128 -10.94 9.33 7.66
N MET A 129 -9.93 9.14 6.84
CA MET A 129 -9.41 7.83 6.48
C MET A 129 -7.96 7.75 6.87
N THR A 130 -7.60 6.78 7.70
CA THR A 130 -6.18 6.50 7.96
C THR A 130 -5.85 5.29 7.11
N PRO A 131 -4.83 5.41 6.22
CA PRO A 131 -4.43 4.27 5.28
C PRO A 131 -3.68 3.12 5.95
N GLY A 132 -3.59 2.04 5.22
CA GLY A 132 -2.99 0.81 5.71
C GLY A 132 -2.28 0.20 4.51
N ILE A 133 -1.41 -0.76 4.76
CA ILE A 133 -0.75 -1.52 3.71
C ILE A 133 -1.66 -2.58 3.03
N PRO A 134 -1.90 -2.45 1.70
CA PRO A 134 -2.71 -3.47 1.03
C PRO A 134 -2.04 -4.88 1.18
N ALA A 135 -2.85 -5.90 1.24
CA ALA A 135 -2.34 -7.30 1.27
C ALA A 135 -1.30 -7.64 0.14
N PHE A 136 -1.45 -7.08 -1.05
CA PHE A 136 -0.55 -7.50 -2.15
C PHE A 136 0.89 -6.96 -1.95
N ILE A 137 0.98 -5.78 -1.33
CA ILE A 137 2.23 -5.14 -0.98
C ILE A 137 2.91 -5.97 0.11
N ALA A 138 2.12 -6.40 1.11
CA ALA A 138 2.69 -7.21 2.16
C ALA A 138 3.15 -8.56 1.62
N ALA A 139 2.38 -9.16 0.75
CA ALA A 139 2.74 -10.47 0.16
C ALA A 139 4.10 -10.41 -0.57
N GLY A 140 4.34 -9.36 -1.33
CA GLY A 140 5.60 -9.19 -2.02
C GLY A 140 6.77 -9.14 -1.04
N SER A 141 6.65 -8.31 -0.01
CA SER A 141 7.72 -8.18 0.93
C SER A 141 8.00 -9.50 1.72
N ALA A 142 6.95 -10.27 2.05
CA ALA A 142 7.07 -11.59 2.76
C ALA A 142 7.85 -12.65 1.95
N ALA A 143 7.62 -12.65 0.65
CA ALA A 143 8.39 -13.41 -0.34
C ALA A 143 9.78 -12.81 -0.68
N GLY A 144 10.08 -11.61 -0.21
CA GLY A 144 11.43 -11.03 -0.43
C GLY A 144 11.66 -10.47 -1.82
N MET A 145 10.60 -10.39 -2.63
CA MET A 145 10.63 -9.82 -3.99
C MET A 145 10.08 -8.40 -4.13
N PRO A 146 10.58 -7.63 -5.11
CA PRO A 146 9.91 -6.35 -5.39
C PRO A 146 8.68 -6.61 -6.25
N LEU A 147 7.70 -5.72 -6.19
CA LEU A 147 6.56 -5.82 -7.09
C LEU A 147 6.73 -5.01 -8.37
N ALA A 148 7.64 -4.05 -8.37
CA ALA A 148 7.78 -3.20 -9.53
C ALA A 148 9.07 -2.45 -9.43
N LEU A 149 9.69 -2.25 -10.60
CA LEU A 149 10.94 -1.51 -10.76
C LEU A 149 10.80 -0.48 -11.89
N GLN A 150 11.58 0.60 -11.84
CA GLN A 150 11.80 1.54 -12.98
C GLN A 150 10.90 1.35 -14.19
N SER A 151 9.82 2.10 -14.25
CA SER A 151 8.95 2.13 -15.44
C SER A 151 8.09 0.88 -15.69
N ASP A 152 8.19 -0.11 -14.80
CA ASP A 152 7.24 -1.21 -14.81
C ASP A 152 5.81 -0.67 -14.60
N SER A 153 4.83 -1.44 -15.06
CA SER A 153 3.43 -1.24 -14.66
C SER A 153 2.91 -2.34 -13.71
N VAL A 154 1.88 -1.99 -12.94
CA VAL A 154 1.23 -2.97 -12.08
C VAL A 154 -0.25 -2.95 -12.34
N LEU A 155 -0.83 -4.11 -12.60
CA LEU A 155 -2.27 -4.10 -12.80
C LEU A 155 -2.86 -4.88 -11.66
N VAL A 156 -3.87 -4.31 -10.99
CA VAL A 156 -4.55 -5.04 -9.94
C VAL A 156 -5.98 -5.32 -10.36
N LEU A 157 -6.35 -6.60 -10.22
CA LEU A 157 -7.73 -7.08 -10.35
C LEU A 157 -8.15 -7.66 -8.98
N ALA A 158 -9.46 -7.75 -8.77
CA ALA A 158 -10.00 -8.41 -7.59
C ALA A 158 -11.37 -9.06 -7.90
N GLN A 159 -11.73 -10.06 -7.09
CA GLN A 159 -13.01 -10.78 -7.26
C GLN A 159 -13.30 -11.11 -8.70
N ILE A 160 -12.35 -11.71 -9.42
CA ILE A 160 -12.61 -11.95 -10.83
C ILE A 160 -13.59 -13.14 -11.04
N ASP A 161 -14.51 -12.99 -12.01
CA ASP A 161 -15.61 -13.93 -12.28
C ASP A 161 -15.10 -15.23 -12.88
N GLU A 162 -14.09 -15.06 -13.73
CA GLU A 162 -13.65 -16.09 -14.61
C GLU A 162 -12.13 -15.98 -14.75
N ILE A 163 -11.46 -17.11 -14.97
CA ILE A 163 -10.02 -17.17 -15.13
C ILE A 163 -9.49 -16.41 -16.38
N GLY A 164 -10.31 -16.31 -17.43
CA GLY A 164 -9.94 -15.60 -18.65
C GLY A 164 -9.55 -14.13 -18.41
N GLU A 165 -10.32 -13.44 -17.58
CA GLU A 165 -9.95 -12.13 -17.08
C GLU A 165 -8.41 -12.06 -16.83
N LEU A 166 -7.86 -12.99 -16.07
CA LEU A 166 -6.42 -13.00 -15.74
C LEU A 166 -5.56 -13.29 -16.96
N GLU A 167 -5.90 -14.39 -17.65
CA GLU A 167 -5.19 -14.81 -18.84
C GLU A 167 -5.08 -13.68 -19.85
N ARG A 168 -6.24 -13.13 -20.23
CA ARG A 168 -6.32 -11.97 -21.09
C ARG A 168 -5.41 -10.83 -20.63
N ALA A 169 -5.47 -10.45 -19.33
CA ALA A 169 -4.67 -9.31 -18.84
C ALA A 169 -3.19 -9.60 -18.99
N LEU A 170 -2.80 -10.87 -18.86
CA LEU A 170 -1.38 -11.20 -18.85
C LEU A 170 -0.74 -11.19 -20.27
N VAL A 171 -1.58 -11.18 -21.30
CA VAL A 171 -1.06 -11.02 -22.67
C VAL A 171 -0.43 -9.62 -22.85
N THR A 172 -0.96 -8.63 -22.14
CA THR A 172 -0.58 -7.24 -22.39
C THR A 172 -0.03 -6.54 -21.13
N HIS A 173 -0.09 -7.23 -19.99
CA HIS A 173 0.57 -6.75 -18.76
C HIS A 173 1.49 -7.80 -18.17
N SER A 174 2.70 -7.38 -17.83
CA SER A 174 3.68 -8.30 -17.25
C SER A 174 3.41 -8.71 -15.79
N THR A 175 2.87 -7.78 -15.01
CA THR A 175 2.66 -7.99 -13.57
C THR A 175 1.24 -7.71 -13.21
N VAL A 176 0.56 -8.76 -12.78
CA VAL A 176 -0.85 -8.73 -12.57
C VAL A 176 -1.10 -9.35 -11.22
N VAL A 177 -1.86 -8.64 -10.38
CA VAL A 177 -2.16 -9.13 -9.09
C VAL A 177 -3.65 -9.39 -9.11
N VAL A 178 -4.09 -10.52 -8.54
CA VAL A 178 -5.50 -10.79 -8.40
C VAL A 178 -5.86 -11.01 -6.97
N MET A 179 -6.79 -10.22 -6.45
CA MET A 179 -7.19 -10.34 -5.08
C MET A 179 -8.45 -11.20 -4.98
N LYS A 180 -8.71 -11.78 -3.82
CA LYS A 180 -9.91 -12.66 -3.66
C LYS A 180 -9.88 -13.80 -4.65
N LEU A 181 -8.86 -14.64 -4.54
CA LEU A 181 -8.67 -15.74 -5.49
C LEU A 181 -9.70 -16.87 -5.38
N SER A 182 -10.46 -16.87 -4.28
CA SER A 182 -11.56 -17.80 -4.08
C SER A 182 -12.47 -17.88 -5.29
N THR A 183 -12.60 -16.77 -6.01
CA THR A 183 -13.64 -16.67 -7.06
C THR A 183 -13.21 -17.56 -8.22
N VAL A 184 -11.91 -17.82 -8.31
CA VAL A 184 -11.44 -18.68 -9.40
C VAL A 184 -10.68 -19.93 -8.88
N ARG A 185 -11.08 -20.39 -7.69
CA ARG A 185 -10.41 -21.52 -7.03
C ARG A 185 -10.37 -22.82 -7.82
N ASP A 186 -11.45 -23.11 -8.55
CA ASP A 186 -11.57 -24.34 -9.35
C ASP A 186 -10.59 -24.35 -10.54
N GLU A 187 -10.08 -23.16 -10.91
CA GLU A 187 -9.35 -23.00 -12.17
C GLU A 187 -7.88 -22.64 -11.99
N LEU A 188 -7.49 -22.44 -10.73
CA LEU A 188 -6.18 -21.91 -10.36
C LEU A 188 -5.03 -22.84 -10.77
N VAL A 189 -5.15 -24.12 -10.42
CA VAL A 189 -4.04 -25.05 -10.65
C VAL A 189 -3.85 -25.20 -12.14
N SER A 190 -4.96 -25.38 -12.87
CA SER A 190 -4.84 -25.60 -14.30
C SER A 190 -4.26 -24.33 -14.98
N PHE A 191 -4.80 -23.18 -14.62
CA PHE A 191 -4.22 -21.90 -15.07
C PHE A 191 -2.70 -21.85 -14.82
N LEU A 192 -2.28 -22.14 -13.59
CA LEU A 192 -0.84 -22.05 -13.26
C LEU A 192 0.05 -23.07 -14.05
N GLU A 193 -0.46 -24.28 -14.32
CA GLU A 193 0.20 -25.22 -15.26
C GLU A 193 0.45 -24.61 -16.64
N ARG A 194 -0.60 -24.12 -17.31
CA ARG A 194 -0.38 -23.52 -18.64
C ARG A 194 0.37 -22.18 -18.65
N TYR A 195 0.30 -21.43 -17.51
CA TYR A 195 1.02 -20.15 -17.35
C TYR A 195 2.52 -20.42 -17.35
N ALA A 196 2.96 -21.39 -16.53
CA ALA A 196 4.34 -21.92 -16.57
C ALA A 196 5.44 -20.87 -16.39
N LYS A 197 5.11 -19.86 -15.59
CA LYS A 197 5.94 -18.66 -15.35
C LYS A 197 5.86 -18.36 -13.88
N PRO A 198 6.85 -17.59 -13.36
CA PRO A 198 6.93 -17.22 -11.97
C PRO A 198 5.60 -16.62 -11.41
N PHE A 199 5.18 -17.06 -10.24
CA PHE A 199 3.98 -16.57 -9.57
C PHE A 199 4.18 -16.64 -8.06
N LEU A 200 3.36 -15.89 -7.34
CA LEU A 200 3.37 -15.89 -5.86
C LEU A 200 1.94 -16.01 -5.41
N TYR A 201 1.66 -17.06 -4.63
CA TYR A 201 0.34 -17.31 -4.06
C TYR A 201 0.54 -16.99 -2.60
N ALA A 202 -0.40 -16.29 -1.96
CA ALA A 202 -0.26 -15.91 -0.55
C ALA A 202 -1.60 -15.88 0.13
N GLU A 203 -1.62 -16.54 1.27
CA GLU A 203 -2.78 -16.68 2.08
C GLU A 203 -2.34 -16.30 3.49
N LYS A 204 -3.24 -15.61 4.20
CA LYS A 204 -3.09 -15.12 5.59
C LYS A 204 -1.72 -14.55 5.90
N VAL A 205 -1.22 -13.70 4.99
CA VAL A 205 0.11 -13.16 5.12
C VAL A 205 0.20 -12.46 6.44
N GLY A 206 1.28 -12.75 7.19
CA GLY A 206 1.60 -12.06 8.43
C GLY A 206 0.87 -12.62 9.66
N MET A 207 -0.01 -13.58 9.43
CA MET A 207 -0.82 -14.15 10.55
C MET A 207 -0.52 -15.61 10.83
N ALA A 208 -1.13 -16.15 11.90
CA ALA A 208 -0.94 -17.54 12.23
C ALA A 208 -1.48 -18.32 11.03
N GLY A 209 -0.70 -19.28 10.57
CA GLY A 209 -1.09 -20.00 9.36
C GLY A 209 -0.77 -19.33 8.03
N GLU A 210 0.00 -18.24 8.07
CA GLU A 210 0.56 -17.67 6.83
C GLU A 210 0.94 -18.85 5.93
N PHE A 211 0.58 -18.76 4.67
CA PHE A 211 1.04 -19.72 3.69
C PHE A 211 1.34 -19.01 2.40
N ILE A 212 2.56 -19.17 1.93
CA ILE A 212 2.98 -18.52 0.71
C ILE A 212 3.75 -19.51 -0.14
N THR A 213 3.50 -19.49 -1.43
CA THR A 213 4.19 -20.44 -2.23
C THR A 213 4.38 -19.94 -3.65
N MET A 214 5.44 -20.45 -4.29
CA MET A 214 5.66 -20.27 -5.72
C MET A 214 5.78 -21.65 -6.38
N GLU A 215 5.17 -22.66 -5.73
CA GLU A 215 5.16 -24.05 -6.20
C GLU A 215 3.74 -24.49 -6.53
N VAL A 216 3.48 -24.83 -7.79
CA VAL A 216 2.17 -25.33 -8.16
C VAL A 216 1.75 -26.59 -7.36
N ASP A 217 2.71 -27.44 -6.99
CA ASP A 217 2.41 -28.68 -6.26
C ASP A 217 1.93 -28.46 -4.83
N ALA A 218 2.31 -27.32 -4.25
CA ALA A 218 1.83 -26.94 -2.93
C ALA A 218 0.36 -26.51 -2.95
N LEU A 219 -0.19 -26.31 -4.15
CA LEU A 219 -1.59 -25.87 -4.32
C LEU A 219 -2.58 -26.96 -4.71
N ARG A 220 -2.06 -28.15 -5.01
CA ARG A 220 -2.87 -29.20 -5.64
C ARG A 220 -3.97 -29.79 -4.73
N SER A 221 -3.75 -29.71 -3.41
CA SER A 221 -4.71 -30.16 -2.43
C SER A 221 -5.22 -29.01 -1.54
N ARG A 222 -4.70 -27.80 -1.77
CA ARG A 222 -4.96 -26.67 -0.88
C ARG A 222 -6.37 -26.05 -1.09
N ALA A 223 -7.04 -25.77 0.02
CA ALA A 223 -8.30 -25.00 0.05
C ALA A 223 -7.94 -23.54 -0.09
N ILE A 224 -8.30 -22.97 -1.23
CA ILE A 224 -8.00 -21.60 -1.55
C ILE A 224 -9.14 -20.71 -0.97
N PRO A 225 -8.83 -19.98 0.13
CA PRO A 225 -9.82 -19.24 0.91
C PRO A 225 -10.08 -17.85 0.33
N TYR A 226 -10.99 -17.09 0.93
CA TYR A 226 -11.37 -15.80 0.35
C TYR A 226 -10.25 -14.70 0.45
N PHE A 227 -9.54 -14.71 1.57
CA PHE A 227 -8.42 -13.79 1.79
C PHE A 227 -7.18 -14.48 1.27
N SER A 228 -7.11 -14.54 -0.05
CA SER A 228 -6.07 -15.19 -0.79
C SER A 228 -5.77 -14.34 -2.03
N LEU A 229 -4.51 -14.25 -2.42
CA LEU A 229 -4.20 -13.51 -3.64
C LEU A 229 -3.11 -14.18 -4.42
N LEU A 230 -3.02 -13.79 -5.70
CA LEU A 230 -1.97 -14.26 -6.58
C LEU A 230 -1.31 -13.07 -7.24
N VAL A 231 -0.01 -13.14 -7.34
CA VAL A 231 0.79 -12.22 -8.14
C VAL A 231 1.45 -13.04 -9.25
N CYS A 232 1.22 -12.65 -10.50
CA CYS A 232 1.92 -13.18 -11.69
C CYS A 232 2.85 -12.10 -12.18
N SER A 233 4.15 -12.41 -12.20
CA SER A 233 5.19 -11.42 -12.46
C SER A 233 6.56 -12.09 -12.61
N PRO A 234 7.43 -11.59 -13.53
CA PRO A 234 8.81 -12.14 -13.61
C PRO A 234 9.59 -11.84 -12.32
N HIS A 235 9.15 -10.79 -11.61
CA HIS A 235 9.79 -10.37 -10.37
C HIS A 235 9.75 -11.44 -9.31
N CYS A 236 8.83 -12.39 -9.45
CA CYS A 236 8.75 -13.57 -8.57
C CYS A 236 10.03 -14.46 -8.54
N ARG A 237 10.81 -14.49 -9.63
CA ARG A 237 12.08 -15.24 -9.68
C ARG A 237 13.19 -14.58 -8.81
N GLN A 238 12.81 -13.50 -8.12
CA GLN A 238 13.70 -12.80 -7.21
C GLN A 238 13.20 -13.02 -5.79
N SER A 239 13.06 -14.29 -5.42
CA SER A 239 12.65 -14.75 -4.10
C SER A 239 13.30 -16.11 -3.86
N THR A 240 13.71 -16.38 -2.61
CA THR A 240 14.26 -17.72 -2.23
C THR A 240 13.23 -18.86 -2.43
N LEU A 241 11.97 -18.46 -2.63
CA LEU A 241 10.85 -19.37 -2.89
C LEU A 241 10.72 -19.84 -4.36
N SER A 242 11.12 -18.99 -5.30
CA SER A 242 11.00 -19.33 -6.72
C SER A 242 11.65 -20.69 -7.04
N PRO A 243 10.89 -21.60 -7.70
CA PRO A 243 11.31 -22.99 -7.91
C PRO A 243 12.82 -23.16 -8.12
N PHE A 244 13.47 -23.85 -7.17
CA PHE A 244 14.85 -24.36 -7.32
C PHE A 244 14.95 -25.32 -8.53
N ALA A 245 13.80 -25.57 -9.15
CA ALA A 245 13.65 -26.48 -10.30
C ALA A 245 13.99 -25.78 -11.64
N ASN B 2 19.75 -2.25 20.14
CA ASN B 2 21.20 -2.26 19.70
C ASN B 2 21.32 -2.78 18.28
N ASN B 3 20.78 -3.97 18.02
CA ASN B 3 20.66 -4.57 16.68
C ASN B 3 19.77 -5.84 16.66
N GLN B 4 19.56 -6.43 15.48
CA GLN B 4 18.83 -7.71 15.36
C GLN B 4 19.07 -8.47 14.05
N GLY B 5 18.62 -7.89 12.93
CA GLY B 5 18.83 -8.48 11.60
C GLY B 5 20.27 -8.33 11.13
N SER B 6 20.50 -8.50 9.84
CA SER B 6 21.78 -8.08 9.27
C SER B 6 21.55 -6.96 8.25
N ILE B 7 20.99 -7.27 7.08
CA ILE B 7 20.50 -6.25 6.10
C ILE B 7 18.93 -6.20 6.07
N ILE B 8 18.33 -5.05 6.40
CA ILE B 8 16.86 -4.96 6.33
C ILE B 8 16.42 -3.80 5.45
N SER B 9 15.58 -4.10 4.48
CA SER B 9 14.86 -3.03 3.71
C SER B 9 13.65 -2.57 4.51
N VAL B 10 13.76 -1.40 5.09
CA VAL B 10 12.73 -0.88 6.02
C VAL B 10 11.91 0.20 5.28
N SER B 11 10.64 -0.07 4.95
CA SER B 11 9.77 1.00 4.39
C SER B 11 9.37 1.99 5.41
N LEU B 12 9.50 3.26 5.05
CA LEU B 12 9.16 4.34 5.97
C LEU B 12 7.67 4.76 5.96
N GLY B 13 6.91 4.22 5.00
CA GLY B 13 5.64 4.81 4.60
C GLY B 13 5.88 6.09 3.77
N PRO B 14 4.80 6.74 3.34
CA PRO B 14 4.92 7.73 2.29
C PRO B 14 5.18 9.16 2.70
N GLY B 15 5.28 9.47 3.99
CA GLY B 15 5.78 10.81 4.31
C GLY B 15 5.38 11.21 5.73
N ASP B 16 4.11 11.00 6.13
CA ASP B 16 3.67 11.24 7.50
C ASP B 16 4.39 10.20 8.38
N PRO B 17 5.19 10.67 9.39
CA PRO B 17 5.91 9.68 10.19
C PRO B 17 4.95 8.79 10.99
N GLY B 18 3.75 9.28 11.32
CA GLY B 18 2.68 8.47 11.97
C GLY B 18 2.25 7.27 11.10
N LEU B 19 2.68 7.26 9.81
CA LEU B 19 2.25 6.17 8.87
C LEU B 19 3.33 5.10 8.66
N ILE B 20 4.44 5.23 9.39
CA ILE B 20 5.29 4.09 9.48
C ILE B 20 4.58 2.95 10.28
N THR B 21 4.91 1.68 9.98
CA THR B 21 4.43 0.59 10.78
C THR B 21 5.09 0.54 12.16
N VAL B 22 4.39 -0.04 13.12
CA VAL B 22 4.97 -0.39 14.47
C VAL B 22 6.24 -1.17 14.25
N LYS B 23 6.18 -2.21 13.42
CA LYS B 23 7.42 -2.98 13.17
C LYS B 23 8.60 -2.20 12.51
N ALA B 24 8.35 -1.38 11.45
CA ALA B 24 9.43 -0.68 10.78
C ALA B 24 10.11 0.26 11.76
N LEU B 25 9.31 0.88 12.61
CA LEU B 25 9.80 1.88 13.55
C LEU B 25 10.72 1.23 14.60
N SER B 26 10.34 0.05 15.07
CA SER B 26 11.14 -0.70 16.02
C SER B 26 12.44 -1.20 15.40
N GLN B 27 12.40 -1.65 14.15
CA GLN B 27 13.60 -2.01 13.41
C GLN B 27 14.60 -0.86 13.27
N LEU B 28 14.10 0.33 12.97
CA LEU B 28 14.94 1.51 12.91
C LEU B 28 15.64 1.80 14.22
N ARG B 29 14.93 1.60 15.34
CA ARG B 29 15.46 2.05 16.65
C ARG B 29 16.56 1.09 17.11
N GLU B 30 16.48 -0.14 16.59
CA GLU B 30 17.40 -1.19 16.92
C GLU B 30 18.50 -1.35 15.84
N ALA B 31 18.43 -0.61 14.73
CA ALA B 31 19.49 -0.76 13.71
C ALA B 31 20.82 -0.09 14.14
N ASP B 32 21.92 -0.65 13.66
CA ASP B 32 23.25 -0.10 13.98
C ASP B 32 23.58 1.06 13.06
N VAL B 33 23.22 0.91 11.78
CA VAL B 33 23.38 1.94 10.77
C VAL B 33 22.12 2.01 9.84
N ILE B 34 21.78 3.20 9.39
CA ILE B 34 20.63 3.34 8.47
C ILE B 34 21.08 4.11 7.25
N TYR B 35 20.96 3.52 6.08
CA TYR B 35 21.18 4.26 4.83
C TYR B 35 19.88 4.83 4.28
N TYR B 36 19.88 6.13 3.95
CA TYR B 36 18.78 6.83 3.29
C TYR B 36 19.17 7.48 1.94
N PRO B 37 18.22 7.57 1.01
CA PRO B 37 18.54 8.36 -0.21
C PRO B 37 18.21 9.83 -0.03
N GLY B 38 18.95 10.65 -0.76
CA GLY B 38 18.70 12.08 -0.84
C GLY B 38 19.23 12.59 -2.14
N THR B 39 18.94 13.85 -2.42
CA THR B 39 19.48 14.56 -3.57
C THR B 39 20.24 15.77 -3.07
N VAL B 40 21.25 16.20 -3.85
CA VAL B 40 22.02 17.44 -3.57
C VAL B 40 21.82 18.49 -4.68
N SER B 41 21.75 19.75 -4.28
CA SER B 41 21.73 20.85 -5.26
C SER B 41 23.16 21.27 -5.62
N ALA B 42 23.28 22.32 -6.44
CA ALA B 42 24.57 22.91 -6.91
C ALA B 42 25.59 23.20 -5.79
N SER B 43 25.12 23.89 -4.75
CA SER B 43 25.88 24.02 -3.50
C SER B 43 25.77 22.70 -2.72
N GLY B 44 26.14 22.72 -1.44
CA GLY B 44 25.75 21.61 -0.57
C GLY B 44 24.25 21.58 -0.58
N ALA B 45 23.63 21.68 0.58
CA ALA B 45 22.18 21.67 0.67
C ALA B 45 21.54 20.35 0.13
N VAL B 46 21.32 19.43 1.06
CA VAL B 46 20.69 18.16 0.76
C VAL B 46 19.19 18.33 0.88
N THR B 47 18.47 17.72 -0.05
CA THR B 47 17.04 17.49 0.10
C THR B 47 16.85 15.95 0.20
N SER B 48 16.11 15.49 1.20
CA SER B 48 15.88 14.04 1.40
C SER B 48 14.60 13.84 2.18
N VAL B 49 13.55 13.36 1.52
CA VAL B 49 12.26 13.11 2.18
C VAL B 49 12.46 12.02 3.22
N ALA B 50 13.24 11.01 2.86
CA ALA B 50 13.58 9.94 3.77
C ALA B 50 14.21 10.44 5.08
N LEU B 51 15.09 11.44 4.98
CA LEU B 51 15.75 11.96 6.15
C LEU B 51 14.75 12.80 6.98
N ASP B 52 13.92 13.56 6.28
CA ASP B 52 12.90 14.33 6.95
C ASP B 52 12.04 13.42 7.84
N ILE B 53 11.78 12.19 7.39
CA ILE B 53 10.98 11.20 8.13
C ILE B 53 11.79 10.64 9.31
N LEU B 54 12.99 10.16 9.02
CA LEU B 54 13.90 9.65 10.10
C LEU B 54 14.10 10.60 11.29
N LYS B 55 14.09 11.90 10.98
CA LYS B 55 14.34 12.99 11.94
C LYS B 55 13.21 13.03 12.95
N GLU B 56 12.04 12.47 12.59
CA GLU B 56 10.92 12.43 13.52
C GLU B 56 10.96 11.31 14.56
N PHE B 57 11.92 10.40 14.44
CA PHE B 57 11.99 9.21 15.27
C PHE B 57 13.02 9.28 16.46
N ASP B 58 13.73 10.41 16.57
CA ASP B 58 14.71 10.63 17.65
C ASP B 58 15.70 9.46 17.66
N LEU B 59 16.34 9.28 16.52
CA LEU B 59 17.31 8.24 16.31
C LEU B 59 18.67 8.92 16.50
N ASP B 60 19.72 8.11 16.63
CA ASP B 60 21.08 8.63 16.88
C ASP B 60 21.58 9.23 15.57
N PRO B 61 21.74 10.56 15.50
CA PRO B 61 22.03 11.11 14.17
C PRO B 61 23.32 10.50 13.61
N SER B 62 24.12 9.91 14.50
CA SER B 62 25.40 9.25 14.17
C SER B 62 25.29 7.99 13.32
N LYS B 63 24.14 7.31 13.36
CA LYS B 63 23.99 6.03 12.64
C LYS B 63 23.49 6.18 11.20
N LEU B 64 23.36 7.43 10.75
CA LEU B 64 22.72 7.71 9.46
C LEU B 64 23.74 7.90 8.33
N ARG B 65 23.50 7.19 7.23
CA ARG B 65 24.33 7.29 6.05
C ARG B 65 23.50 7.66 4.81
N GLY B 66 23.59 8.94 4.45
CA GLY B 66 23.00 9.45 3.21
C GLY B 66 23.62 8.80 2.00
N MET B 67 22.78 8.51 0.99
CA MET B 67 23.29 8.14 -0.32
C MET B 67 22.82 9.25 -1.24
N LEU B 68 23.76 10.03 -1.80
CA LEU B 68 23.37 11.31 -2.46
C LEU B 68 23.45 11.34 -3.99
N VAL B 69 22.39 11.84 -4.65
CA VAL B 69 22.38 12.03 -6.11
C VAL B 69 21.95 13.45 -6.54
N PRO B 70 22.23 13.84 -7.81
CA PRO B 70 21.62 15.08 -8.34
C PRO B 70 20.16 14.80 -8.70
N MET B 71 19.62 15.50 -9.69
CA MET B 71 18.34 15.09 -10.29
C MET B 71 18.65 14.45 -11.65
N SER B 72 18.56 13.12 -11.74
CA SER B 72 18.97 12.35 -12.94
C SER B 72 18.07 11.14 -13.26
N ARG B 73 18.08 10.72 -14.54
CA ARG B 73 17.20 9.62 -15.04
C ARG B 73 17.88 8.47 -15.82
N SER B 74 19.05 8.05 -15.36
CA SER B 74 19.69 6.82 -15.86
C SER B 74 19.21 5.64 -15.00
N ARG B 75 18.02 5.15 -15.35
CA ARG B 75 17.24 4.21 -14.51
C ARG B 75 17.40 4.69 -13.07
N GLY B 76 17.20 6.00 -12.90
CA GLY B 76 17.55 6.74 -11.69
C GLY B 76 18.98 6.45 -11.22
N ALA B 77 19.91 7.36 -11.55
CA ALA B 77 21.30 7.34 -11.06
C ALA B 77 21.39 6.76 -9.63
N ALA B 78 20.23 6.69 -8.98
CA ALA B 78 20.00 5.99 -7.72
C ALA B 78 20.57 4.55 -7.70
N GLU B 79 20.34 3.78 -8.77
CA GLU B 79 20.84 2.41 -8.90
C GLU B 79 22.36 2.40 -8.72
N ALA B 80 23.08 3.21 -9.51
CA ALA B 80 24.53 3.32 -9.34
C ALA B 80 24.92 3.77 -7.93
N SER B 81 24.19 4.78 -7.41
CA SER B 81 24.40 5.32 -6.06
C SER B 81 24.24 4.24 -4.96
N TYR B 82 23.18 3.45 -5.08
CA TYR B 82 22.94 2.31 -4.17
C TYR B 82 23.99 1.23 -4.32
N ALA B 83 24.31 0.89 -5.58
CA ALA B 83 25.35 -0.09 -5.90
C ALA B 83 26.68 0.26 -5.26
N ALA B 84 27.06 1.54 -5.39
CA ALA B 84 28.30 2.09 -4.88
C ALA B 84 28.37 2.00 -3.37
N ASN B 85 27.20 2.03 -2.73
CA ASN B 85 27.10 2.06 -1.30
C ASN B 85 27.04 0.66 -0.69
N TYR B 86 26.78 -0.35 -1.50
CA TYR B 86 26.59 -1.70 -0.98
C TYR B 86 27.82 -2.23 -0.23
N ALA B 87 29.00 -2.00 -0.78
CA ALA B 87 30.20 -2.50 -0.15
C ALA B 87 30.20 -2.16 1.34
N SER B 88 30.10 -0.88 1.68
CA SER B 88 30.12 -0.49 3.09
C SER B 88 29.05 -1.22 3.93
N MET B 89 27.83 -1.34 3.38
CA MET B 89 26.73 -2.08 4.05
C MET B 89 27.14 -3.50 4.32
N ALA B 90 27.74 -4.14 3.31
CA ALA B 90 28.30 -5.52 3.47
C ALA B 90 29.35 -5.60 4.60
N GLU B 91 30.29 -4.66 4.64
CA GLU B 91 31.33 -4.66 5.69
C GLU B 91 30.69 -4.50 7.09
N GLU B 92 29.61 -3.72 7.16
CA GLU B 92 28.91 -3.50 8.42
C GLU B 92 28.28 -4.81 8.86
N VAL B 93 27.60 -5.45 7.90
CA VAL B 93 27.08 -6.78 8.09
C VAL B 93 28.21 -7.76 8.50
N GLN B 94 29.39 -7.65 7.91
CA GLN B 94 30.54 -8.47 8.33
C GLN B 94 30.93 -8.19 9.79
N ALA B 95 31.00 -6.90 10.14
CA ALA B 95 31.30 -6.45 11.51
C ALA B 95 30.28 -6.95 12.56
N GLY B 96 29.25 -7.67 12.10
CA GLY B 96 28.16 -8.16 12.95
C GLY B 96 27.06 -7.13 13.21
N ARG B 97 26.92 -6.16 12.32
CA ARG B 97 26.01 -5.03 12.60
C ARG B 97 24.59 -5.22 12.01
N ARG B 98 23.61 -4.50 12.52
CA ARG B 98 22.30 -4.56 11.90
C ARG B 98 22.05 -3.33 11.03
N VAL B 99 22.02 -3.57 9.73
CA VAL B 99 21.93 -2.51 8.73
C VAL B 99 20.47 -2.41 8.18
N ALA B 100 19.96 -1.17 8.18
CA ALA B 100 18.68 -0.85 7.52
C ALA B 100 18.91 -0.02 6.26
N VAL B 101 18.25 -0.38 5.16
CA VAL B 101 18.16 0.54 4.03
C VAL B 101 16.73 1.06 3.91
N VAL B 102 16.52 2.35 4.02
CA VAL B 102 15.13 2.84 4.09
C VAL B 102 14.59 3.32 2.72
N SER B 103 13.25 3.29 2.58
CA SER B 103 12.54 3.68 1.36
C SER B 103 11.35 4.52 1.73
N VAL B 104 11.14 5.59 0.95
CA VAL B 104 9.90 6.30 1.03
C VAL B 104 8.80 5.39 0.38
N GLY B 105 7.69 5.23 1.11
CA GLY B 105 6.48 4.51 0.61
C GLY B 105 6.73 3.01 0.97
N ASP B 106 6.75 2.15 -0.05
CA ASP B 106 7.06 0.77 0.18
C ASP B 106 8.38 0.39 -0.55
N GLY B 107 9.27 -0.30 0.16
CA GLY B 107 10.54 -0.78 -0.38
C GLY B 107 10.47 -1.74 -1.57
N GLY B 108 9.32 -2.36 -1.80
CA GLY B 108 9.20 -3.27 -2.93
C GLY B 108 8.38 -2.74 -4.08
N PHE B 109 8.05 -1.46 -4.02
CA PHE B 109 7.12 -0.89 -4.97
C PHE B 109 7.78 0.32 -5.53
N TYR B 110 8.50 0.10 -6.64
CA TYR B 110 9.36 1.08 -7.31
C TYR B 110 10.44 1.72 -6.41
N SER B 111 11.19 0.89 -5.71
CA SER B 111 12.25 1.37 -4.85
C SER B 111 13.59 0.77 -5.34
N THR B 112 14.62 1.57 -5.28
CA THR B 112 15.96 1.14 -5.62
C THR B 112 16.56 0.21 -4.53
N ALA B 113 15.90 0.11 -3.37
CA ALA B 113 16.32 -0.83 -2.27
C ALA B 113 16.36 -2.29 -2.73
N SER B 114 15.54 -2.63 -3.72
CA SER B 114 15.53 -3.94 -4.36
C SER B 114 16.89 -4.36 -4.97
N ALA B 115 17.76 -3.40 -5.20
CA ALA B 115 19.11 -3.65 -5.70
C ALA B 115 20.02 -4.15 -4.57
N ILE B 116 19.71 -3.70 -3.36
CA ILE B 116 20.49 -4.07 -2.19
C ILE B 116 20.11 -5.48 -1.76
N ILE B 117 18.82 -5.79 -1.91
CA ILE B 117 18.26 -7.11 -1.58
C ILE B 117 18.57 -8.24 -2.58
N GLU B 118 18.89 -7.90 -3.84
CA GLU B 118 19.49 -8.85 -4.80
C GLU B 118 20.86 -9.27 -4.30
N ARG B 119 21.72 -8.27 -4.16
CA ARG B 119 23.11 -8.45 -3.76
C ARG B 119 23.21 -9.12 -2.39
N ALA B 120 22.35 -8.74 -1.47
CA ALA B 120 22.38 -9.27 -0.11
C ALA B 120 22.07 -10.75 -0.15
N ARG B 121 21.12 -11.12 -0.99
CA ARG B 121 20.65 -12.50 -1.09
C ARG B 121 21.64 -13.42 -1.84
N ARG B 122 22.28 -12.90 -2.89
CA ARG B 122 23.27 -13.69 -3.62
C ARG B 122 24.62 -13.77 -2.91
N ASP B 123 24.99 -12.77 -2.11
CA ASP B 123 26.17 -12.90 -1.23
C ASP B 123 25.81 -13.64 0.04
N GLY B 124 24.59 -14.21 0.05
CA GLY B 124 24.10 -15.09 1.10
C GLY B 124 23.92 -14.49 2.48
N LEU B 125 23.71 -13.17 2.54
CA LEU B 125 23.53 -12.47 3.83
C LEU B 125 22.09 -12.59 4.33
N ASP B 126 21.89 -12.41 5.64
CA ASP B 126 20.54 -12.39 6.18
C ASP B 126 19.90 -11.05 5.82
N CYS B 127 18.82 -11.13 5.05
CA CYS B 127 18.14 -9.93 4.62
C CYS B 127 16.65 -10.10 4.66
N SER B 128 15.96 -8.96 4.73
CA SER B 128 14.55 -8.90 4.99
C SER B 128 13.92 -7.68 4.33
N MET B 129 12.63 -7.77 4.03
CA MET B 129 11.79 -6.60 3.62
C MET B 129 10.58 -6.34 4.56
N THR B 130 10.57 -5.17 5.20
CA THR B 130 9.41 -4.73 5.95
C THR B 130 8.65 -3.75 5.02
N PRO B 131 7.41 -4.04 4.70
CA PRO B 131 6.67 -3.15 3.76
C PRO B 131 6.13 -1.87 4.39
N GLY B 132 5.69 -0.94 3.54
CA GLY B 132 5.17 0.38 3.95
C GLY B 132 3.95 0.75 3.04
N ILE B 133 3.22 1.78 3.40
CA ILE B 133 2.11 2.30 2.56
C ILE B 133 2.63 3.02 1.34
N PRO B 134 2.24 2.55 0.12
CA PRO B 134 2.61 3.30 -1.10
C PRO B 134 2.04 4.73 -1.10
N ALA B 135 2.75 5.66 -1.70
CA ALA B 135 2.28 7.03 -1.86
C ALA B 135 0.82 7.19 -2.42
N PHE B 136 0.47 6.37 -3.39
CA PHE B 136 -0.86 6.49 -4.04
C PHE B 136 -1.96 6.07 -3.11
N ILE B 137 -1.68 5.06 -2.25
CA ILE B 137 -2.64 4.69 -1.21
C ILE B 137 -2.88 5.83 -0.20
N ALA B 138 -1.79 6.38 0.31
CA ALA B 138 -1.93 7.51 1.16
C ALA B 138 -2.65 8.70 0.50
N ALA B 139 -2.34 9.00 -0.75
CA ALA B 139 -3.02 10.11 -1.45
C ALA B 139 -4.52 9.90 -1.46
N GLY B 140 -4.95 8.69 -1.86
CA GLY B 140 -6.42 8.44 -1.88
C GLY B 140 -7.06 8.74 -0.54
N SER B 141 -6.48 8.24 0.55
CA SER B 141 -7.04 8.46 1.90
C SER B 141 -6.97 9.93 2.35
N ALA B 142 -5.88 10.64 2.05
CA ALA B 142 -5.82 12.11 2.35
C ALA B 142 -6.90 12.91 1.58
N ALA B 143 -7.20 12.46 0.39
CA ALA B 143 -8.38 13.04 -0.35
C ALA B 143 -9.79 12.54 0.04
N GLY B 144 -9.90 11.53 0.93
CA GLY B 144 -11.23 11.08 1.39
C GLY B 144 -11.97 10.39 0.25
N MET B 145 -11.28 9.62 -0.57
CA MET B 145 -11.98 8.90 -1.63
C MET B 145 -11.57 7.43 -1.69
N PRO B 146 -12.40 6.55 -2.27
CA PRO B 146 -11.80 5.24 -2.51
C PRO B 146 -10.98 5.22 -3.83
N LEU B 147 -9.93 4.42 -3.87
CA LEU B 147 -9.22 4.17 -5.13
C LEU B 147 -9.82 3.03 -5.92
N ALA B 148 -10.34 1.98 -5.28
CA ALA B 148 -10.90 0.81 -5.96
C ALA B 148 -12.10 0.30 -5.16
N LEU B 149 -13.20 0.04 -5.87
CA LEU B 149 -14.35 -0.65 -5.32
C LEU B 149 -14.65 -1.95 -6.10
N GLN B 150 -15.50 -2.78 -5.52
CA GLN B 150 -16.07 -3.99 -6.17
C GLN B 150 -15.93 -3.96 -7.70
N SER B 151 -15.17 -4.94 -8.19
CA SER B 151 -14.88 -5.19 -9.62
C SER B 151 -13.91 -4.22 -10.33
N ASP B 152 -13.44 -3.16 -9.64
CA ASP B 152 -12.52 -2.24 -10.29
C ASP B 152 -11.24 -2.94 -10.67
N SER B 153 -10.62 -2.43 -11.71
CA SER B 153 -9.18 -2.62 -11.92
C SER B 153 -8.40 -1.37 -11.57
N VAL B 154 -7.12 -1.52 -11.19
CA VAL B 154 -6.25 -0.39 -10.95
C VAL B 154 -4.98 -0.65 -11.71
N LEU B 155 -4.66 0.28 -12.59
CA LEU B 155 -3.32 0.27 -13.20
C LEU B 155 -2.42 1.33 -12.61
N VAL B 156 -1.20 0.93 -12.25
CA VAL B 156 -0.23 1.85 -11.72
C VAL B 156 0.87 1.95 -12.77
N LEU B 157 1.19 3.17 -13.19
CA LEU B 157 2.40 3.52 -13.99
C LEU B 157 3.39 4.38 -13.22
N ALA B 158 4.67 4.34 -13.57
CA ALA B 158 5.65 5.28 -13.03
C ALA B 158 6.58 5.81 -14.12
N GLN B 159 7.16 6.99 -13.87
CA GLN B 159 8.04 7.65 -14.84
C GLN B 159 7.55 7.55 -16.27
N ILE B 160 6.24 7.74 -16.43
CA ILE B 160 5.60 8.17 -17.66
C ILE B 160 6.62 8.89 -18.61
N ASP B 161 6.61 8.51 -19.88
CA ASP B 161 7.57 8.99 -20.89
C ASP B 161 7.02 10.18 -21.64
N GLU B 162 5.94 9.91 -22.33
CA GLU B 162 5.20 10.94 -23.00
C GLU B 162 3.83 10.81 -22.38
N ILE B 163 3.10 11.91 -22.40
CA ILE B 163 1.79 11.99 -21.78
C ILE B 163 0.81 11.07 -22.53
N GLY B 164 1.17 10.70 -23.75
CA GLY B 164 0.32 9.82 -24.57
C GLY B 164 0.18 8.45 -23.96
N GLU B 165 1.17 8.03 -23.18
CA GLU B 165 1.08 6.75 -22.51
C GLU B 165 -0.10 6.62 -21.52
N LEU B 166 -0.30 7.67 -20.71
CA LEU B 166 -1.44 7.79 -19.85
C LEU B 166 -2.70 7.89 -20.70
N GLU B 167 -2.64 8.61 -21.83
CA GLU B 167 -3.88 8.82 -22.58
C GLU B 167 -4.48 7.50 -23.08
N ARG B 168 -3.65 6.66 -23.68
CA ARG B 168 -4.06 5.33 -24.18
C ARG B 168 -4.61 4.41 -23.09
N ALA B 169 -3.89 4.32 -21.96
CA ALA B 169 -4.30 3.49 -20.80
C ALA B 169 -5.66 3.86 -20.25
N LEU B 170 -5.99 5.15 -20.24
CA LEU B 170 -7.17 5.60 -19.48
C LEU B 170 -8.51 4.84 -19.66
N VAL B 171 -8.85 4.58 -20.92
CA VAL B 171 -10.12 3.95 -21.37
C VAL B 171 -10.32 2.44 -21.13
N THR B 172 -9.22 1.69 -21.12
CA THR B 172 -9.27 0.26 -20.91
C THR B 172 -9.13 -0.05 -19.42
N HIS B 173 -8.91 0.99 -18.61
CA HIS B 173 -8.72 0.83 -17.15
C HIS B 173 -9.63 1.71 -16.23
N SER B 174 -10.01 1.16 -15.04
CA SER B 174 -10.93 1.89 -14.12
C SER B 174 -10.14 3.17 -13.57
N THR B 175 -9.27 2.92 -12.61
CA THR B 175 -8.41 3.90 -12.09
C THR B 175 -7.06 3.75 -12.75
N VAL B 176 -6.40 4.86 -13.12
CA VAL B 176 -4.99 4.82 -13.46
C VAL B 176 -4.23 5.77 -12.51
N VAL B 177 -3.10 5.29 -11.99
CA VAL B 177 -2.20 6.03 -11.13
C VAL B 177 -0.91 6.24 -11.89
N VAL B 178 -0.44 7.49 -11.92
CA VAL B 178 0.84 7.76 -12.53
C VAL B 178 1.77 8.35 -11.47
N MET B 179 2.86 7.66 -11.14
CA MET B 179 3.85 8.21 -10.22
C MET B 179 5.00 8.97 -10.89
N LYS B 180 5.67 9.79 -10.11
CA LYS B 180 6.79 10.61 -10.53
C LYS B 180 6.45 11.49 -11.71
N LEU B 181 5.53 12.44 -11.47
CA LEU B 181 4.98 13.30 -12.52
C LEU B 181 5.96 14.29 -13.13
N SER B 182 7.10 14.48 -12.48
CA SER B 182 8.16 15.40 -12.98
C SER B 182 8.50 15.16 -14.44
N THR B 183 8.33 13.91 -14.89
CA THR B 183 8.74 13.44 -16.18
C THR B 183 7.74 13.88 -17.23
N VAL B 184 6.62 14.43 -16.83
CA VAL B 184 5.68 15.03 -17.81
C VAL B 184 5.24 16.41 -17.29
N ARG B 185 6.10 17.06 -16.52
CA ARG B 185 5.80 18.35 -15.88
C ARG B 185 5.40 19.41 -16.91
N ASP B 186 5.95 19.30 -18.13
CA ASP B 186 5.59 20.30 -19.13
C ASP B 186 4.36 19.87 -19.97
N GLU B 187 3.87 18.65 -19.77
CA GLU B 187 2.71 18.20 -20.54
C GLU B 187 1.42 18.04 -19.68
N LEU B 188 1.56 18.07 -18.34
CA LEU B 188 0.43 17.76 -17.41
C LEU B 188 -0.89 18.55 -17.56
N VAL B 189 -0.80 19.88 -17.51
CA VAL B 189 -1.94 20.77 -17.60
C VAL B 189 -2.79 20.61 -18.87
N SER B 190 -2.18 20.61 -20.05
CA SER B 190 -2.95 20.36 -21.29
C SER B 190 -3.54 18.94 -21.30
N PHE B 191 -2.80 17.92 -20.85
CA PHE B 191 -3.45 16.63 -20.65
C PHE B 191 -4.73 16.72 -19.79
N LEU B 192 -4.61 17.37 -18.64
CA LEU B 192 -5.74 17.51 -17.73
C LEU B 192 -6.93 18.28 -18.35
N GLU B 193 -6.68 19.33 -19.14
CA GLU B 193 -7.76 20.08 -19.82
C GLU B 193 -8.46 19.25 -20.87
N ARG B 194 -7.65 18.51 -21.62
CA ARG B 194 -8.13 17.55 -22.59
C ARG B 194 -8.99 16.46 -21.95
N TYR B 195 -8.45 15.84 -20.89
CA TYR B 195 -9.11 14.73 -20.22
C TYR B 195 -10.49 15.14 -19.74
N ALA B 196 -10.58 16.29 -19.07
CA ALA B 196 -11.86 16.89 -18.61
C ALA B 196 -12.72 15.93 -17.76
N LYS B 197 -12.02 15.12 -16.94
CA LYS B 197 -12.63 14.07 -16.14
C LYS B 197 -11.93 14.16 -14.79
N PRO B 198 -12.60 13.71 -13.72
CA PRO B 198 -12.13 13.84 -12.34
C PRO B 198 -10.71 13.26 -12.14
N PHE B 199 -9.86 13.95 -11.37
CA PHE B 199 -8.53 13.51 -11.14
C PHE B 199 -8.13 14.01 -9.74
N LEU B 200 -7.07 13.41 -9.22
CA LEU B 200 -6.44 13.81 -7.93
C LEU B 200 -4.97 14.07 -8.28
N TYR B 201 -4.46 15.28 -8.02
CA TYR B 201 -3.04 15.49 -8.08
C TYR B 201 -2.56 15.56 -6.62
N ALA B 202 -1.49 14.83 -6.26
CA ALA B 202 -1.01 14.82 -4.87
C ALA B 202 0.51 14.87 -4.82
N GLU B 203 1.02 15.85 -4.09
CA GLU B 203 2.37 16.12 -3.97
C GLU B 203 2.71 16.14 -2.49
N LYS B 204 3.79 15.49 -2.10
CA LYS B 204 4.31 15.54 -0.69
C LYS B 204 3.29 15.19 0.36
N VAL B 205 2.43 14.21 0.07
CA VAL B 205 1.32 13.85 0.97
C VAL B 205 1.84 13.42 2.36
N GLY B 206 1.27 13.95 3.42
CA GLY B 206 1.67 13.68 4.79
C GLY B 206 2.97 14.44 5.21
N MET B 207 3.55 15.19 4.29
CA MET B 207 4.88 15.82 4.54
C MET B 207 4.58 17.29 4.73
N ALA B 208 5.58 18.10 5.12
CA ALA B 208 5.47 19.58 5.25
C ALA B 208 4.84 20.31 4.03
N GLY B 209 5.37 20.09 2.85
CA GLY B 209 4.73 20.81 1.72
C GLY B 209 3.55 20.10 1.03
N GLU B 210 2.79 19.24 1.73
CA GLU B 210 1.64 18.58 1.09
C GLU B 210 0.78 19.52 0.23
N PHE B 211 0.44 19.08 -0.98
CA PHE B 211 -0.45 19.87 -1.80
C PHE B 211 -1.29 18.89 -2.63
N ILE B 212 -2.61 18.92 -2.53
CA ILE B 212 -3.53 17.97 -3.19
C ILE B 212 -4.63 18.81 -3.75
N THR B 213 -5.00 18.45 -4.97
CA THR B 213 -5.91 19.25 -5.70
C THR B 213 -6.58 18.39 -6.74
N MET B 214 -7.80 18.82 -7.07
CA MET B 214 -8.57 18.33 -8.12
C MET B 214 -8.91 19.43 -9.13
N GLU B 215 -8.32 20.61 -8.99
CA GLU B 215 -8.57 21.74 -9.91
C GLU B 215 -7.39 22.02 -10.84
N VAL B 216 -7.65 21.94 -12.16
CA VAL B 216 -6.59 22.18 -13.16
C VAL B 216 -6.03 23.57 -12.99
N ASP B 217 -6.89 24.53 -12.69
CA ASP B 217 -6.40 25.90 -12.51
C ASP B 217 -5.33 25.98 -11.44
N ALA B 218 -5.45 25.18 -10.37
CA ALA B 218 -4.46 25.19 -9.28
C ALA B 218 -3.10 24.62 -9.67
N LEU B 219 -3.04 24.03 -10.85
CA LEU B 219 -1.79 23.45 -11.38
C LEU B 219 -1.13 24.28 -12.52
N ARG B 220 -1.87 25.25 -13.08
CA ARG B 220 -1.43 25.98 -14.28
C ARG B 220 0.01 26.52 -14.22
N SER B 221 0.35 27.08 -13.07
CA SER B 221 1.69 27.69 -12.95
C SER B 221 2.39 26.99 -11.81
N ARG B 222 2.02 25.74 -11.51
CA ARG B 222 2.70 25.00 -10.50
C ARG B 222 3.89 24.20 -10.99
N ALA B 223 4.99 24.26 -10.23
CA ALA B 223 6.11 23.36 -10.50
C ALA B 223 5.75 21.94 -10.04
N ILE B 224 5.96 20.97 -10.94
CA ILE B 224 5.62 19.62 -10.65
C ILE B 224 6.89 18.87 -10.36
N PRO B 225 7.08 18.49 -9.06
CA PRO B 225 8.26 17.88 -8.53
C PRO B 225 8.26 16.39 -8.60
N TYR B 226 9.42 15.85 -8.24
CA TYR B 226 9.60 14.44 -8.31
C TYR B 226 8.60 13.67 -7.45
N PHE B 227 8.37 14.12 -6.22
CA PHE B 227 7.45 13.40 -5.34
C PHE B 227 6.02 13.87 -5.59
N SER B 228 5.42 13.50 -6.72
CA SER B 228 4.03 13.89 -7.04
C SER B 228 3.46 12.80 -7.89
N LEU B 229 2.17 12.63 -7.75
CA LEU B 229 1.49 11.59 -8.48
C LEU B 229 0.11 12.05 -8.88
N LEU B 230 -0.48 11.31 -9.81
CA LEU B 230 -1.78 11.64 -10.37
C LEU B 230 -2.66 10.42 -10.22
N VAL B 231 -3.92 10.61 -9.82
CA VAL B 231 -4.92 9.55 -9.86
C VAL B 231 -6.03 10.03 -10.78
N CYS B 232 -6.24 9.30 -11.86
CA CYS B 232 -7.42 9.55 -12.76
C CYS B 232 -8.45 8.48 -12.48
N SER B 233 -9.63 8.86 -12.01
CA SER B 233 -10.62 7.86 -11.65
C SER B 233 -11.97 8.54 -11.43
N PRO B 234 -13.07 7.88 -11.82
CA PRO B 234 -14.40 8.46 -11.47
C PRO B 234 -14.59 8.63 -9.98
N HIS B 235 -13.86 7.83 -9.18
CA HIS B 235 -14.03 7.87 -7.73
C HIS B 235 -13.57 9.20 -7.12
N CYS B 236 -12.78 9.94 -7.86
CA CYS B 236 -12.35 11.28 -7.43
C CYS B 236 -13.55 12.19 -7.10
N ARG B 237 -14.71 11.89 -7.71
CA ARG B 237 -16.00 12.60 -7.36
C ARG B 237 -16.43 12.53 -5.93
N GLN B 238 -16.07 11.41 -5.27
CA GLN B 238 -16.31 11.20 -3.83
C GLN B 238 -15.47 11.96 -2.87
N SER B 239 -14.39 12.54 -3.34
CA SER B 239 -13.49 13.20 -2.44
C SER B 239 -14.05 14.48 -1.84
N THR B 240 -13.59 14.78 -0.63
CA THR B 240 -13.83 16.06 0.00
C THR B 240 -13.43 17.22 -0.92
N LEU B 241 -12.42 17.03 -1.78
CA LEU B 241 -11.97 18.12 -2.63
C LEU B 241 -12.90 18.29 -3.86
N SER B 242 -13.86 17.38 -4.08
CA SER B 242 -14.85 17.55 -5.19
C SER B 242 -16.16 18.34 -4.86
N PRO B 243 -16.57 19.25 -5.80
CA PRO B 243 -17.85 19.95 -5.65
C PRO B 243 -19.05 19.01 -5.44
N PHE B 244 -18.96 17.79 -5.99
CA PHE B 244 -20.00 16.75 -5.94
C PHE B 244 -20.18 16.08 -4.57
N ALA B 245 -19.18 16.34 -3.70
CA ALA B 245 -19.23 16.27 -2.23
C ALA B 245 -18.43 15.07 -1.86
#